data_2HOT
#
_entry.id   2HOT
#
_cell.length_a   127.856
_cell.length_b   45.046
_cell.length_c   73.568
_cell.angle_alpha   90.00
_cell.angle_beta   118.65
_cell.angle_gamma   90.00
#
_symmetry.space_group_name_H-M   'C 1 2 1'
#
loop_
_entity.id
_entity.type
_entity.pdbx_description
1 polymer "5'-D(*TP*TP*TP*TP*GP*CP*CP*AP*TP*GP*TP*AP*AP*TP*CP*CP*CP*CP*GP*GP*A)-3'"
2 polymer "5'-D(*AP*TP*CP*CP*GP*GP*GP*GP*AP*TP*TP*AP*CP*AP*TP*GP*GP*CP*AP*AP*A)-3'"
3 polymer 'Segmentation polarity homeobox protein engrailed'
4 non-polymer 3-PROP-2-YN-1-YL-1,3-OXAZOLIDIN-2-ONE
5 non-polymer GLYCEROL
6 water water
#
loop_
_entity_poly.entity_id
_entity_poly.type
_entity_poly.pdbx_seq_one_letter_code
_entity_poly.pdbx_strand_id
1 'polydeoxyribonucleotide'
;(DT)(DT)(DT)(DT)(DG)(DC)(DC)(DA)(DT)(DG)(DT)(DA)(DA)(DT)(DC)(DC)(DC)(DC)(DG)(DG)
(DA)
;
C
2 'polydeoxyribonucleotide'
;(DA)(DT)(DC)(DC)(DG)(DG)(DG)(DG)(DA)(DT)(DT)(DA)(DC)(DA)(DT)(DG)(DG)(DC)(DA)(DA)
(DA)
;
D
3 'polypeptide(L)' GSDEKRPRTAFSSEQLARLKREFNENRYLTERRRQQLSSELGLNEAQVKGWFKNMRAKIKKST A,B
#
# COMPACT_ATOMS: atom_id res chain seq x y z
N ARG C 8 -6.05 -16.23 14.04
CA ARG C 8 -6.09 -16.90 12.70
C ARG C 8 -7.28 -17.84 12.58
N THR C 9 -8.10 -17.62 11.55
CA THR C 9 -9.25 -18.46 11.27
C THR C 9 -8.93 -19.48 10.18
N ALA C 10 -9.43 -20.70 10.34
CA ALA C 10 -9.29 -21.73 9.32
C ALA C 10 -10.62 -21.89 8.59
N PHE C 11 -10.60 -21.72 7.27
CA PHE C 11 -11.84 -21.78 6.47
C PHE C 11 -12.29 -23.23 6.28
N SER C 12 -13.59 -23.46 6.40
CA SER C 12 -14.17 -24.77 6.08
C SER C 12 -14.01 -25.11 4.59
N SER C 13 -14.12 -26.40 4.25
CA SER C 13 -13.96 -26.82 2.85
C SER C 13 -15.05 -26.26 1.92
N GLU C 14 -16.25 -26.03 2.47
CA GLU C 14 -17.34 -25.36 1.76
C GLU C 14 -17.04 -23.89 1.42
N GLN C 15 -16.32 -23.22 2.33
CA GLN C 15 -15.91 -21.83 2.12
C GLN C 15 -14.78 -21.78 1.10
N LEU C 16 -13.78 -22.63 1.31
CA LEU C 16 -12.67 -22.75 0.37
C LEU C 16 -13.16 -23.10 -1.04
N ALA C 17 -14.07 -24.06 -1.13
CA ALA C 17 -14.65 -24.45 -2.42
C ALA C 17 -15.30 -23.26 -3.15
N ARG C 18 -16.07 -22.47 -2.42
CA ARG C 18 -16.79 -21.34 -2.98
C ARG C 18 -15.84 -20.22 -3.35
N LEU C 19 -14.83 -20.00 -2.52
CA LEU C 19 -13.81 -18.98 -2.75
C LEU C 19 -13.01 -19.29 -4.01
N LYS C 20 -12.60 -20.55 -4.16
CA LYS C 20 -11.89 -21.03 -5.35
C LYS C 20 -12.69 -20.89 -6.66
N ARG C 21 -13.93 -21.36 -6.67
CA ARG C 21 -14.82 -21.12 -7.82
C ARG C 21 -14.92 -19.63 -8.18
N GLU C 22 -15.15 -18.78 -7.16
CA GLU C 22 -15.19 -17.32 -7.31
C GLU C 22 -13.87 -16.76 -7.84
N PHE C 23 -12.76 -17.19 -7.24
CA PHE C 23 -11.43 -16.80 -7.75
C PHE C 23 -11.25 -17.16 -9.24
N ASN C 24 -11.68 -18.38 -9.57
CA ASN C 24 -11.60 -18.93 -10.93
C ASN C 24 -12.32 -18.03 -11.94
N GLU C 25 -13.51 -17.54 -11.58
CA GLU C 25 -14.35 -16.69 -12.43
C GLU C 25 -13.81 -15.27 -12.53
N ASN C 26 -13.36 -14.74 -11.40
CA ASN C 26 -12.74 -13.39 -11.31
C ASN C 26 -11.77 -13.28 -10.12
N ARG C 27 -10.49 -13.13 -10.43
CA ARG C 27 -9.43 -13.10 -9.42
C ARG C 27 -9.30 -11.75 -8.65
N TYR C 28 -9.99 -10.72 -9.08
CA TYR C 28 -10.09 -9.48 -8.31
C TYR C 28 -11.54 -9.21 -7.93
N LEU C 29 -11.76 -8.84 -6.67
CA LEU C 29 -13.07 -8.45 -6.15
C LEU C 29 -13.46 -7.01 -6.37
N THR C 30 -14.74 -6.75 -6.67
CA THR C 30 -15.25 -5.41 -6.47
C THR C 30 -15.61 -5.29 -4.98
N GLU C 31 -15.90 -4.08 -4.53
CA GLU C 31 -16.44 -3.85 -3.19
C GLU C 31 -17.76 -4.61 -3.00
N ARG C 32 -18.73 -4.38 -3.90
CA ARG C 32 -20.00 -5.14 -3.96
C ARG C 32 -19.81 -6.65 -3.78
N ARG C 33 -18.90 -7.24 -4.56
CA ARG C 33 -18.72 -8.70 -4.57
C ARG C 33 -18.06 -9.23 -3.29
N ARG C 34 -17.06 -8.48 -2.81
CA ARG C 34 -16.44 -8.75 -1.51
C ARG C 34 -17.50 -8.77 -0.41
N GLN C 35 -18.34 -7.74 -0.38
CA GLN C 35 -19.46 -7.65 0.58
C GLN C 35 -20.42 -8.85 0.43
N GLN C 36 -20.78 -9.19 -0.81
CA GLN C 36 -21.70 -10.30 -1.09
C GLN C 36 -21.14 -11.67 -0.67
N LEU C 37 -19.92 -11.97 -1.11
CA LEU C 37 -19.16 -13.14 -0.67
C LEU C 37 -19.03 -13.30 0.84
N SER C 38 -18.66 -12.22 1.52
CA SER C 38 -18.58 -12.21 2.99
C SER C 38 -19.90 -12.59 3.65
N SER C 39 -20.99 -12.00 3.16
CA SER C 39 -22.34 -12.28 3.64
C SER C 39 -22.75 -13.74 3.34
N GLU C 40 -22.54 -14.21 2.12
CA GLU C 40 -22.91 -15.59 1.76
C GLU C 40 -22.08 -16.65 2.49
N LEU C 41 -20.83 -16.35 2.83
CA LEU C 41 -19.97 -17.38 3.41
C LEU C 41 -19.84 -17.36 4.94
N GLY C 42 -20.43 -16.34 5.56
CA GLY C 42 -20.26 -16.08 6.98
C GLY C 42 -18.83 -15.70 7.32
N LEU C 43 -18.26 -14.78 6.55
CA LEU C 43 -16.91 -14.29 6.80
C LEU C 43 -16.85 -12.75 6.83
N ASN C 44 -15.80 -12.20 7.41
CA ASN C 44 -15.61 -10.74 7.33
C ASN C 44 -14.95 -10.37 6.03
N GLU C 45 -15.26 -9.19 5.51
CA GLU C 45 -14.74 -8.72 4.24
C GLU C 45 -13.20 -8.74 4.19
N ALA C 46 -12.54 -8.51 5.33
CA ALA C 46 -11.07 -8.53 5.38
C ALA C 46 -10.52 -9.94 5.11
N GLN C 47 -11.27 -10.96 5.51
CA GLN C 47 -10.86 -12.35 5.28
C GLN C 47 -10.99 -12.78 3.81
N VAL C 48 -12.07 -12.32 3.18
CA VAL C 48 -12.30 -12.54 1.77
C VAL C 48 -11.22 -11.79 0.98
N LYS C 49 -10.96 -10.54 1.36
CA LYS C 49 -9.96 -9.73 0.69
C LYS C 49 -8.56 -10.38 0.83
N GLY C 50 -8.23 -10.76 2.05
CA GLY C 50 -6.93 -11.41 2.33
C GLY C 50 -6.72 -12.70 1.56
N TRP C 51 -7.77 -13.52 1.49
CA TRP C 51 -7.71 -14.78 0.79
C TRP C 51 -7.36 -14.62 -0.70
N PHE C 52 -8.09 -13.74 -1.40
CA PHE C 52 -7.85 -13.44 -2.81
C PHE C 52 -6.42 -12.90 -3.04
N LYS C 53 -6.01 -11.97 -2.19
CA LYS C 53 -4.65 -11.44 -2.23
C LYS C 53 -3.61 -12.55 -2.12
N ASN C 54 -3.76 -13.40 -1.12
CA ASN C 54 -2.78 -14.46 -0.85
C ASN C 54 -2.76 -15.50 -1.95
N MET C 55 -3.94 -15.76 -2.52
CA MET C 55 -4.11 -16.73 -3.59
C MET C 55 -3.37 -16.26 -4.85
N ARG C 56 -3.54 -14.98 -5.19
CA ARG C 56 -2.85 -14.39 -6.32
C ARG C 56 -1.36 -14.51 -6.18
N ALA C 57 -0.85 -14.20 -4.98
CA ALA C 57 0.58 -14.31 -4.69
C ALA C 57 1.07 -15.75 -4.77
N LYS C 58 0.24 -16.69 -4.34
CA LYS C 58 0.62 -18.09 -4.29
C LYS C 58 0.77 -18.65 -5.70
N ILE C 59 -0.18 -18.29 -6.56
CA ILE C 59 -0.09 -18.61 -7.97
C ILE C 59 1.14 -17.95 -8.59
N LYS C 60 1.31 -16.65 -8.39
CA LYS C 60 2.46 -15.91 -8.92
C LYS C 60 3.79 -16.56 -8.56
N LYS C 61 3.94 -17.03 -7.31
CA LYS C 61 5.19 -17.65 -6.84
C LYS C 61 5.53 -18.97 -7.53
N SER C 62 4.51 -19.63 -8.10
CA SER C 62 4.73 -20.79 -8.96
C SER C 62 5.14 -20.38 -10.40
N THR C 63 4.55 -19.32 -10.93
CA THR C 63 4.88 -18.82 -12.28
C THR C 63 4.12 -17.53 -12.61
N LYS D 5 -4.42 11.18 13.58
CA LYS D 5 -3.78 11.55 12.29
C LYS D 5 -2.53 12.36 12.57
N ARG D 6 -1.54 12.21 11.68
CA ARG D 6 -0.28 12.93 11.73
C ARG D 6 -0.51 14.44 11.43
N PRO D 7 0.01 15.32 12.31
CA PRO D 7 -0.05 16.77 12.05
C PRO D 7 0.64 17.19 10.74
N ARG D 8 0.13 18.25 10.13
CA ARG D 8 0.78 18.85 8.99
C ARG D 8 1.85 19.79 9.50
N THR D 9 3.02 19.78 8.86
CA THR D 9 4.07 20.68 9.28
C THR D 9 4.34 21.67 8.16
N ALA D 10 5.16 22.67 8.42
CA ALA D 10 5.68 23.51 7.35
C ALA D 10 7.18 23.27 7.27
N PHE D 11 7.72 23.17 6.05
CA PHE D 11 9.15 23.03 5.85
C PHE D 11 9.78 24.42 5.71
N SER D 12 10.92 24.61 6.35
CA SER D 12 11.66 25.87 6.19
C SER D 12 12.24 25.89 4.77
N SER D 13 12.70 27.06 4.31
CA SER D 13 13.28 27.15 2.99
C SER D 13 14.55 26.29 2.86
N GLU D 14 15.28 26.09 3.95
CA GLU D 14 16.49 25.24 3.95
C GLU D 14 16.16 23.76 3.84
N GLN D 15 15.10 23.34 4.52
CA GLN D 15 14.63 21.97 4.40
C GLN D 15 14.14 21.70 2.99
N LEU D 16 13.35 22.61 2.42
CA LEU D 16 12.88 22.52 1.04
C LEU D 16 14.02 22.51 0.02
N ALA D 17 15.01 23.37 0.18
CA ALA D 17 16.15 23.37 -0.73
C ALA D 17 16.88 22.04 -0.76
N ARG D 18 17.09 21.46 0.42
CA ARG D 18 17.74 20.16 0.60
C ARG D 18 16.92 18.96 0.09
N LEU D 19 15.63 18.94 0.37
CA LEU D 19 14.74 17.91 -0.20
C LEU D 19 14.72 17.93 -1.72
N LYS D 20 14.71 19.13 -2.31
CA LYS D 20 14.66 19.29 -3.76
C LYS D 20 15.97 18.88 -4.43
N ARG D 21 17.07 19.15 -3.75
CA ARG D 21 18.39 18.80 -4.21
C ARG D 21 18.54 17.27 -4.28
N GLU D 22 18.00 16.57 -3.29
CA GLU D 22 17.96 15.12 -3.23
C GLU D 22 17.02 14.57 -4.30
N PHE D 23 15.83 15.16 -4.36
CA PHE D 23 14.83 14.78 -5.36
C PHE D 23 15.35 14.89 -6.80
N ASN D 24 16.21 15.87 -7.06
CA ASN D 24 16.82 16.11 -8.38
C ASN D 24 17.82 15.01 -8.78
N GLU D 25 18.27 14.23 -7.82
CA GLU D 25 19.17 13.10 -8.06
C GLU D 25 18.41 11.79 -8.26
N ASN D 26 17.42 11.59 -7.39
CA ASN D 26 16.64 10.38 -7.33
C ASN D 26 15.28 10.73 -6.67
N ARG D 27 14.19 10.47 -7.40
CA ARG D 27 12.83 10.76 -6.96
C ARG D 27 12.28 9.74 -5.97
N TYR D 28 13.07 8.73 -5.65
CA TYR D 28 12.68 7.65 -4.74
C TYR D 28 13.70 7.50 -3.63
N LEU D 29 13.22 7.23 -2.43
CA LEU D 29 14.07 7.14 -1.25
C LEU D 29 14.22 5.73 -0.79
N THR D 30 15.45 5.21 -0.68
CA THR D 30 15.65 3.97 0.05
C THR D 30 15.44 4.27 1.55
N GLU D 31 15.42 3.20 2.35
CA GLU D 31 15.30 3.26 3.79
C GLU D 31 16.46 4.04 4.42
N ARG D 32 17.71 3.64 4.12
CA ARG D 32 18.92 4.33 4.58
C ARG D 32 18.88 5.83 4.26
N ARG D 33 18.67 6.17 2.98
CA ARG D 33 18.56 7.56 2.54
C ARG D 33 17.47 8.36 3.30
N ARG D 34 16.32 7.73 3.55
CA ARG D 34 15.24 8.40 4.29
C ARG D 34 15.62 8.66 5.75
N GLN D 35 16.23 7.68 6.41
CA GLN D 35 16.74 7.87 7.76
C GLN D 35 17.80 8.97 7.81
N GLN D 36 18.74 8.94 6.87
CA GLN D 36 19.83 9.91 6.85
C GLN D 36 19.29 11.31 6.63
N LEU D 37 18.40 11.45 5.66
CA LEU D 37 17.83 12.73 5.28
C LEU D 37 16.90 13.32 6.34
N SER D 38 16.11 12.47 6.98
CA SER D 38 15.24 12.91 8.06
C SER D 38 16.07 13.37 9.27
N SER D 39 17.13 12.63 9.57
CA SER D 39 17.97 12.98 10.72
C SER D 39 18.72 14.30 10.47
N GLU D 40 19.25 14.49 9.26
CA GLU D 40 19.99 15.71 8.92
C GLU D 40 19.13 16.98 8.91
N LEU D 41 17.87 16.87 8.45
CA LEU D 41 16.91 17.99 8.37
C LEU D 41 16.05 18.24 9.61
N GLY D 42 16.10 17.32 10.56
CA GLY D 42 15.31 17.39 11.80
C GLY D 42 13.83 17.10 11.54
N LEU D 43 13.56 16.24 10.58
CA LEU D 43 12.21 15.97 10.12
C LEU D 43 11.83 14.54 10.45
N ASN D 44 10.55 14.30 10.76
CA ASN D 44 10.07 12.93 10.91
C ASN D 44 10.21 12.18 9.59
N GLU D 45 10.67 10.93 9.65
CA GLU D 45 10.79 10.10 8.43
C GLU D 45 9.49 10.02 7.62
N ALA D 46 8.33 10.07 8.29
CA ALA D 46 7.04 10.12 7.58
C ALA D 46 6.76 11.41 6.80
N GLN D 47 7.28 12.53 7.28
CA GLN D 47 7.13 13.80 6.57
C GLN D 47 8.01 13.83 5.31
N VAL D 48 9.23 13.30 5.44
CA VAL D 48 10.17 13.12 4.33
C VAL D 48 9.62 12.18 3.25
N LYS D 49 9.12 11.00 3.62
CA LYS D 49 8.63 10.11 2.58
C LYS D 49 7.35 10.63 1.94
N GLY D 50 6.58 11.36 2.73
CA GLY D 50 5.37 12.00 2.25
C GLY D 50 5.62 13.12 1.27
N TRP D 51 6.67 13.91 1.48
CA TRP D 51 7.04 15.00 0.57
C TRP D 51 7.49 14.46 -0.80
N PHE D 52 8.35 13.44 -0.79
CA PHE D 52 8.78 12.73 -2.01
C PHE D 52 7.58 12.15 -2.78
N LYS D 53 6.68 11.47 -2.05
CA LYS D 53 5.43 10.94 -2.62
C LYS D 53 4.63 12.02 -3.34
N ASN D 54 4.33 13.11 -2.62
CA ASN D 54 3.62 14.27 -3.17
C ASN D 54 4.37 14.98 -4.30
N MET D 55 5.68 15.15 -4.20
CA MET D 55 6.45 15.77 -5.29
C MET D 55 6.38 14.95 -6.61
N ARG D 56 6.40 13.63 -6.50
CA ARG D 56 6.27 12.78 -7.69
C ARG D 56 4.90 12.98 -8.33
N ALA D 57 3.85 13.19 -7.52
CA ALA D 57 2.49 13.34 -8.07
C ALA D 57 2.30 14.69 -8.76
N LYS D 58 2.82 15.75 -8.14
CA LYS D 58 2.82 17.10 -8.67
C LYS D 58 3.55 17.16 -10.01
N ILE D 59 4.69 16.47 -10.08
CA ILE D 59 5.54 16.43 -11.29
C ILE D 59 4.90 15.60 -12.41
N LYS D 60 4.21 14.52 -12.06
CA LYS D 60 3.49 13.72 -13.05
C LYS D 60 2.32 14.50 -13.67
N LYS D 61 1.84 15.51 -12.95
CA LYS D 61 0.74 16.36 -13.40
C LYS D 61 1.24 17.55 -14.23
N SER D 62 2.25 18.24 -13.70
CA SER D 62 2.83 19.43 -14.31
C SER D 62 3.70 19.04 -15.49
#